data_8VXZ
#
_entry.id   8VXZ
#
_cell.length_a   37.286
_cell.length_b   184.509
_cell.length_c   108.116
_cell.angle_alpha   90.000
_cell.angle_beta   90.000
_cell.angle_gamma   90.000
#
_symmetry.space_group_name_H-M   'C 2 2 21'
#
loop_
_entity.id
_entity.type
_entity.pdbx_description
1 polymer 'Chains: A,B,C'
2 non-polymer 'POTASSIUM ION'
3 non-polymer 3-[2-(benzylamino)-2-oxoethyl]-2-[(E)-(1-methylquinolin-4(1H)-ylidene)methyl]-1,3-benzothiazol-3-ium
4 water water
#
_entity_poly.entity_id   1
_entity_poly.type   'polyribonucleotide'
_entity_poly.pdbx_seq_one_letter_code
;GCGUACGAAGGAGAGGAGAGGAAGAGGAGAGUACGC
;
_entity_poly.pdbx_strand_id   A,B,C
#